data_1OFS
#
_entry.id   1OFS
#
_cell.length_a   49.831
_cell.length_b   60.803
_cell.length_c   136.087
_cell.angle_alpha   90.00
_cell.angle_beta   90.00
_cell.angle_gamma   90.00
#
_symmetry.space_group_name_H-M   'P 21 21 21'
#
loop_
_entity.id
_entity.type
_entity.pdbx_description
1 polymer 'PEA LECTIN ALPHA CHAIN'
2 polymer 'PEA LECTIN BETA CHAIN'
3 branched beta-D-fructofuranose-(2-1)-alpha-D-glucopyranose
4 non-polymer 'MANGANESE (II) ION'
5 non-polymer 'CALCIUM ION'
6 water water
#
loop_
_entity_poly.entity_id
_entity_poly.type
_entity_poly.pdbx_seq_one_letter_code
_entity_poly.pdbx_strand_id
1 'polypeptide(L)'
;TETTSFLITKFSPDQQNLIFQGDGYTTKEKLTLTKAVKNTVGRALYSSPIHIWDRETGNVANFVTSFTFVINAPNSYNVA
DGFTFFIAPVDTKPQTGGGYLGVFNSAEYDKTTQTVAVEFDTFYNAAWDPSNRDRHIGIDVNSIKSVNTKSWKLQNGEEA
NVVIAFNAATNVLTVSLTYPNSLEEEN
;
A,C
2 'polypeptide(L)' VTSYTLSDVVSLKDVVPEWVRIGFSATTGAEYAAHEVLSWSFHSELSG B,D
#
loop_
_chem_comp.id
_chem_comp.type
_chem_comp.name
_chem_comp.formula
CA non-polymer 'CALCIUM ION' 'Ca 2'
FRU D-saccharide, beta linking beta-D-fructofuranose 'C6 H12 O6'
GLC D-saccharide, alpha linking alpha-D-glucopyranose 'C6 H12 O6'
MN non-polymer 'MANGANESE (II) ION' 'Mn 2'
#
# COMPACT_ATOMS: atom_id res chain seq x y z
N THR A 1 -2.83 -13.77 8.73
CA THR A 1 -3.89 -12.78 8.40
C THR A 1 -3.26 -11.56 7.75
N GLU A 2 -3.90 -11.07 6.70
CA GLU A 2 -3.37 -9.91 5.99
C GLU A 2 -4.51 -8.97 5.62
N THR A 3 -4.28 -7.68 5.77
CA THR A 3 -5.27 -6.69 5.36
C THR A 3 -4.53 -5.55 4.67
N THR A 4 -5.21 -4.93 3.72
CA THR A 4 -4.66 -3.77 3.03
C THR A 4 -5.81 -2.79 2.92
N SER A 5 -5.57 -1.52 3.22
CA SER A 5 -6.63 -0.54 3.08
C SER A 5 -6.05 0.81 2.79
N PHE A 6 -6.87 1.67 2.20
CA PHE A 6 -6.46 3.04 1.93
C PHE A 6 -7.69 3.87 1.66
N LEU A 7 -7.55 5.19 1.83
CA LEU A 7 -8.64 6.10 1.58
C LEU A 7 -8.08 7.37 1.00
N ILE A 8 -8.76 7.89 -0.03
CA ILE A 8 -8.38 9.14 -0.65
C ILE A 8 -9.71 9.85 -0.89
N THR A 9 -10.00 10.88 -0.11
CA THR A 9 -11.28 11.60 -0.30
C THR A 9 -11.15 12.67 -1.37
N LYS A 10 -9.92 13.06 -1.65
CA LYS A 10 -9.63 14.04 -2.68
C LYS A 10 -8.18 13.84 -3.08
N PHE A 11 -7.93 13.86 -4.39
CA PHE A 11 -6.59 13.63 -4.91
C PHE A 11 -5.69 14.87 -4.88
N SER A 12 -4.40 14.64 -4.63
CA SER A 12 -3.42 15.72 -4.63
C SER A 12 -2.67 15.64 -5.96
N PRO A 13 -2.01 16.73 -6.35
CA PRO A 13 -1.26 16.77 -7.61
C PRO A 13 -0.13 15.76 -7.67
N ASP A 14 0.40 15.38 -6.52
CA ASP A 14 1.48 14.40 -6.48
C ASP A 14 1.02 13.20 -5.66
N GLN A 15 0.16 12.39 -6.25
CA GLN A 15 -0.38 11.21 -5.58
C GLN A 15 0.59 10.04 -5.75
N GLN A 16 1.64 10.03 -4.95
CA GLN A 16 2.70 9.02 -5.04
C GLN A 16 2.28 7.58 -4.73
N ASN A 17 1.14 7.39 -4.07
CA ASN A 17 0.69 6.02 -3.77
C ASN A 17 -0.12 5.40 -4.92
N LEU A 18 -0.17 6.11 -6.05
CA LEU A 18 -0.84 5.62 -7.24
C LEU A 18 0.17 5.54 -8.37
N ILE A 19 -0.05 4.61 -9.30
CA ILE A 19 0.80 4.44 -10.47
C ILE A 19 -0.06 4.87 -11.65
N PHE A 20 0.43 5.85 -12.41
CA PHE A 20 -0.34 6.35 -13.55
C PHE A 20 0.13 5.80 -14.89
N GLN A 21 -0.83 5.52 -15.78
CA GLN A 21 -0.52 5.00 -17.11
C GLN A 21 -1.35 5.74 -18.15
N GLY A 22 -0.83 5.82 -19.37
CA GLY A 22 -1.55 6.52 -20.42
C GLY A 22 -1.75 7.97 -20.07
N ASP A 23 -2.98 8.45 -20.23
CA ASP A 23 -3.34 9.84 -19.96
C ASP A 23 -3.62 10.13 -18.49
N GLY A 24 -3.57 9.11 -17.64
CA GLY A 24 -3.87 9.30 -16.24
C GLY A 24 -2.99 10.24 -15.44
N TYR A 25 -3.62 11.12 -14.67
CA TYR A 25 -2.94 12.07 -13.78
C TYR A 25 -3.92 12.72 -12.82
N THR A 26 -3.41 13.39 -11.79
CA THR A 26 -4.28 14.05 -10.83
C THR A 26 -4.19 15.56 -10.98
N THR A 27 -5.33 16.22 -10.84
CA THR A 27 -5.42 17.67 -10.97
C THR A 27 -6.73 18.20 -10.39
N LYS A 28 -6.68 19.39 -9.79
CA LYS A 28 -7.85 20.01 -9.17
C LYS A 28 -8.61 19.05 -8.26
N GLU A 29 -7.87 18.35 -7.41
CA GLU A 29 -8.43 17.42 -6.44
C GLU A 29 -9.10 16.17 -7.02
N LYS A 30 -9.04 16.02 -8.34
CA LYS A 30 -9.64 14.85 -9.00
C LYS A 30 -8.61 14.03 -9.77
N LEU A 31 -8.98 12.80 -10.09
CA LEU A 31 -8.12 11.89 -10.85
C LEU A 31 -8.67 11.86 -12.28
N THR A 32 -7.88 12.34 -13.24
CA THR A 32 -8.33 12.34 -14.63
C THR A 32 -7.82 11.11 -15.35
N LEU A 33 -8.73 10.29 -15.88
CA LEU A 33 -8.32 9.09 -16.63
C LEU A 33 -8.21 9.47 -18.10
N THR A 34 -9.21 10.16 -18.62
CA THR A 34 -9.15 10.68 -19.98
C THR A 34 -9.87 12.00 -20.01
N LYS A 35 -9.45 12.86 -20.92
CA LYS A 35 -10.12 14.12 -21.15
C LYS A 35 -11.08 13.74 -22.28
N ALA A 36 -11.88 14.69 -22.73
CA ALA A 36 -12.81 14.36 -23.81
C ALA A 36 -12.09 14.43 -25.17
N VAL A 37 -11.32 13.37 -25.46
CA VAL A 37 -10.58 13.26 -26.71
C VAL A 37 -10.72 11.83 -27.24
N LYS A 38 -10.51 11.64 -28.54
CA LYS A 38 -10.67 10.33 -29.16
C LYS A 38 -9.48 9.39 -29.05
N ASN A 39 -9.78 8.11 -29.21
CA ASN A 39 -8.77 7.06 -29.23
C ASN A 39 -7.68 7.16 -28.18
N THR A 40 -8.08 7.20 -26.92
CA THR A 40 -7.07 7.26 -25.87
C THR A 40 -7.40 6.36 -24.70
N VAL A 41 -6.43 6.23 -23.79
CA VAL A 41 -6.56 5.38 -22.61
C VAL A 41 -5.85 6.04 -21.44
N GLY A 42 -6.41 5.84 -20.25
CA GLY A 42 -5.85 6.36 -19.02
C GLY A 42 -6.13 5.34 -17.92
N ARG A 43 -5.13 5.05 -17.09
CA ARG A 43 -5.31 4.11 -16.00
C ARG A 43 -4.58 4.62 -14.77
N ALA A 44 -5.03 4.19 -13.59
CA ALA A 44 -4.39 4.55 -12.32
C ALA A 44 -4.49 3.32 -11.45
N LEU A 45 -3.38 2.91 -10.86
CA LEU A 45 -3.41 1.73 -10.01
C LEU A 45 -2.90 2.04 -8.62
N TYR A 46 -3.37 1.29 -7.63
CA TYR A 46 -2.87 1.48 -6.27
C TYR A 46 -1.44 0.93 -6.29
N SER A 47 -0.52 1.68 -5.71
CA SER A 47 0.89 1.29 -5.72
C SER A 47 1.24 -0.08 -5.12
N SER A 48 0.60 -0.42 -4.00
CA SER A 48 0.91 -1.71 -3.37
C SER A 48 0.14 -2.91 -3.91
N PRO A 49 0.89 -3.96 -4.22
CA PRO A 49 0.25 -5.21 -4.64
C PRO A 49 -0.68 -5.62 -3.50
N ILE A 50 -1.77 -6.33 -3.82
CA ILE A 50 -2.74 -6.79 -2.84
C ILE A 50 -2.78 -8.32 -2.87
N HIS A 51 -2.84 -8.95 -1.69
CA HIS A 51 -2.87 -10.40 -1.59
C HIS A 51 -4.33 -10.85 -1.67
N ILE A 52 -4.73 -11.41 -2.82
CA ILE A 52 -6.11 -11.83 -3.04
C ILE A 52 -6.40 -13.27 -2.65
N TRP A 53 -5.41 -14.15 -2.81
CA TRP A 53 -5.57 -15.54 -2.43
C TRP A 53 -4.23 -16.21 -2.10
N ASP A 54 -4.29 -17.31 -1.36
CA ASP A 54 -3.10 -18.05 -0.96
C ASP A 54 -3.20 -19.52 -1.38
N ARG A 55 -2.24 -19.98 -2.18
CA ARG A 55 -2.28 -21.36 -2.68
C ARG A 55 -2.20 -22.45 -1.62
N GLU A 56 -1.34 -22.26 -0.62
CA GLU A 56 -1.17 -23.27 0.43
C GLU A 56 -2.45 -23.52 1.22
N THR A 57 -3.08 -22.47 1.73
CA THR A 57 -4.31 -22.62 2.50
C THR A 57 -5.55 -22.70 1.62
N GLY A 58 -5.48 -22.07 0.45
CA GLY A 58 -6.59 -22.02 -0.47
C GLY A 58 -7.52 -20.89 -0.07
N ASN A 59 -7.11 -20.10 0.94
CA ASN A 59 -7.95 -19.00 1.38
C ASN A 59 -8.01 -17.88 0.34
N VAL A 60 -9.16 -17.21 0.26
CA VAL A 60 -9.37 -16.12 -0.65
C VAL A 60 -9.81 -14.92 0.16
N ALA A 61 -9.37 -13.73 -0.25
CA ALA A 61 -9.71 -12.52 0.49
C ALA A 61 -11.12 -11.99 0.27
N ASN A 62 -11.62 -11.28 1.29
CA ASN A 62 -12.88 -10.60 1.19
C ASN A 62 -12.40 -9.18 0.94
N PHE A 63 -13.13 -8.41 0.13
CA PHE A 63 -12.71 -7.04 -0.08
C PHE A 63 -13.87 -6.18 -0.50
N VAL A 64 -13.70 -4.88 -0.30
CA VAL A 64 -14.73 -3.91 -0.68
C VAL A 64 -13.99 -2.67 -1.15
N THR A 65 -14.54 -2.03 -2.17
CA THR A 65 -13.94 -0.80 -2.64
C THR A 65 -15.08 0.16 -2.92
N SER A 66 -14.87 1.43 -2.61
CA SER A 66 -15.88 2.45 -2.89
C SER A 66 -15.21 3.60 -3.63
N PHE A 67 -15.93 4.19 -4.57
CA PHE A 67 -15.37 5.33 -5.29
C PHE A 67 -16.49 6.11 -5.94
N THR A 68 -16.18 7.35 -6.28
CA THR A 68 -17.12 8.22 -6.95
C THR A 68 -16.48 8.62 -8.26
N PHE A 69 -17.20 8.47 -9.36
CA PHE A 69 -16.66 8.83 -10.67
C PHE A 69 -17.65 9.67 -11.45
N VAL A 70 -17.14 10.38 -12.44
CA VAL A 70 -17.98 11.22 -13.26
C VAL A 70 -17.57 11.07 -14.72
N ILE A 71 -18.56 11.08 -15.60
CA ILE A 71 -18.31 11.02 -17.02
C ILE A 71 -18.90 12.29 -17.61
N ASN A 72 -18.09 13.04 -18.35
CA ASN A 72 -18.56 14.26 -18.99
C ASN A 72 -18.44 14.10 -20.49
N ALA A 73 -19.58 13.91 -21.15
CA ALA A 73 -19.58 13.73 -22.60
C ALA A 73 -19.98 15.04 -23.26
N PRO A 74 -19.21 15.47 -24.26
CA PRO A 74 -19.52 16.72 -24.99
C PRO A 74 -20.86 16.58 -25.72
N ASN A 75 -21.31 15.35 -25.86
CA ASN A 75 -22.58 15.05 -26.54
C ASN A 75 -23.48 14.20 -25.65
N SER A 76 -24.77 14.20 -25.95
CA SER A 76 -25.73 13.42 -25.19
C SER A 76 -26.04 12.11 -25.91
N TYR A 77 -25.68 12.05 -27.19
CA TYR A 77 -25.98 10.88 -28.01
C TYR A 77 -24.77 10.08 -28.49
N ASN A 78 -23.58 10.66 -28.39
CA ASN A 78 -22.37 9.97 -28.83
C ASN A 78 -21.36 9.90 -27.70
N VAL A 79 -21.44 8.83 -26.91
CA VAL A 79 -20.57 8.65 -25.76
C VAL A 79 -19.82 7.32 -25.82
N ALA A 80 -18.54 7.37 -25.45
CA ALA A 80 -17.71 6.16 -25.43
C ALA A 80 -16.43 6.48 -24.67
N ASP A 81 -15.73 5.46 -24.19
CA ASP A 81 -16.15 4.07 -24.32
C ASP A 81 -16.56 3.51 -22.97
N GLY A 82 -16.04 4.11 -21.91
CA GLY A 82 -16.39 3.61 -20.60
C GLY A 82 -15.27 3.65 -19.59
N PHE A 83 -15.55 3.07 -18.44
CA PHE A 83 -14.63 3.12 -17.31
C PHE A 83 -14.71 1.79 -16.56
N THR A 84 -13.61 1.35 -15.96
CA THR A 84 -13.67 0.12 -15.17
C THR A 84 -12.87 0.21 -13.89
N PHE A 85 -13.20 -0.69 -12.98
CA PHE A 85 -12.43 -0.87 -11.77
C PHE A 85 -11.91 -2.27 -12.11
N PHE A 86 -10.61 -2.51 -11.99
CA PHE A 86 -10.10 -3.83 -12.35
C PHE A 86 -9.09 -4.42 -11.37
N ILE A 87 -8.96 -5.74 -11.45
CA ILE A 87 -8.04 -6.52 -10.62
C ILE A 87 -7.20 -7.28 -11.65
N ALA A 88 -5.89 -7.06 -11.64
CA ALA A 88 -5.03 -7.68 -12.65
C ALA A 88 -3.67 -8.08 -12.07
N PRO A 89 -2.82 -8.74 -12.86
CA PRO A 89 -1.48 -9.10 -12.38
C PRO A 89 -0.74 -7.84 -11.92
N VAL A 90 0.19 -8.00 -11.00
CA VAL A 90 0.91 -6.86 -10.44
C VAL A 90 1.56 -5.90 -11.44
N ASP A 91 2.17 -6.43 -12.51
CA ASP A 91 2.85 -5.60 -13.49
C ASP A 91 2.06 -5.38 -14.77
N THR A 92 0.78 -5.06 -14.62
CA THR A 92 -0.10 -4.85 -15.75
C THR A 92 0.10 -3.49 -16.48
N LYS A 93 0.01 -3.53 -17.80
CA LYS A 93 0.12 -2.34 -18.63
C LYS A 93 -1.22 -2.17 -19.36
N PRO A 94 -1.53 -1.00 -19.88
CA PRO A 94 -2.81 -0.81 -20.58
C PRO A 94 -2.97 -1.81 -21.71
N GLN A 95 -4.13 -2.46 -21.78
CA GLN A 95 -4.42 -3.42 -22.84
C GLN A 95 -5.05 -2.65 -24.00
N THR A 96 -5.78 -3.34 -24.87
CA THR A 96 -6.42 -2.69 -26.01
C THR A 96 -7.38 -1.58 -25.57
N GLY A 97 -7.40 -0.49 -26.33
CA GLY A 97 -8.26 0.64 -26.04
C GLY A 97 -9.64 0.55 -26.68
N GLY A 98 -10.27 1.71 -26.90
CA GLY A 98 -11.60 1.75 -27.47
C GLY A 98 -12.55 0.89 -26.67
N GLY A 99 -13.35 0.09 -27.39
CA GLY A 99 -14.33 -0.78 -26.78
C GLY A 99 -13.78 -1.85 -25.85
N TYR A 100 -12.46 -2.06 -25.87
CA TYR A 100 -11.83 -3.04 -25.00
C TYR A 100 -11.48 -2.49 -23.61
N LEU A 101 -11.76 -1.20 -23.41
CA LEU A 101 -11.59 -0.51 -22.12
C LEU A 101 -10.21 -0.54 -21.46
N GLY A 102 -9.18 -0.85 -22.24
CA GLY A 102 -7.82 -0.87 -21.72
C GLY A 102 -7.52 -2.02 -20.77
N VAL A 103 -8.42 -3.01 -20.72
CA VAL A 103 -8.24 -4.15 -19.82
C VAL A 103 -8.28 -5.53 -20.49
N PHE A 104 -8.87 -5.61 -21.69
CA PHE A 104 -8.91 -6.90 -22.40
C PHE A 104 -8.48 -6.73 -23.84
N ASN A 105 -8.24 -7.84 -24.54
CA ASN A 105 -7.80 -7.78 -25.92
C ASN A 105 -8.67 -8.58 -26.87
N SER A 106 -9.76 -9.14 -26.35
CA SER A 106 -10.66 -9.94 -27.16
C SER A 106 -11.95 -10.25 -26.42
N ALA A 107 -12.94 -10.73 -27.17
CA ALA A 107 -14.23 -11.10 -26.62
C ALA A 107 -14.23 -12.60 -26.35
N GLU A 108 -13.09 -13.25 -26.57
CA GLU A 108 -12.95 -14.67 -26.33
C GLU A 108 -12.22 -14.87 -25.02
N TYR A 109 -12.58 -15.91 -24.28
CA TYR A 109 -11.91 -16.17 -23.01
C TYR A 109 -10.40 -16.35 -23.20
N ASP A 110 -9.62 -15.56 -22.48
CA ASP A 110 -8.16 -15.64 -22.56
C ASP A 110 -7.64 -15.81 -21.14
N LYS A 111 -7.28 -17.04 -20.78
CA LYS A 111 -6.79 -17.31 -19.43
C LYS A 111 -5.52 -16.56 -19.05
N THR A 112 -4.70 -16.17 -20.04
CA THR A 112 -3.45 -15.46 -19.73
C THR A 112 -3.65 -14.02 -19.30
N THR A 113 -4.81 -13.45 -19.62
CA THR A 113 -5.06 -12.07 -19.24
C THR A 113 -5.13 -11.93 -17.71
N GLN A 114 -5.64 -12.95 -17.04
CA GLN A 114 -5.72 -13.02 -15.57
C GLN A 114 -6.27 -11.75 -14.93
N THR A 115 -7.37 -11.27 -15.50
CA THR A 115 -7.97 -10.04 -15.04
C THR A 115 -9.48 -10.12 -14.87
N VAL A 116 -9.96 -9.49 -13.79
CA VAL A 116 -11.39 -9.38 -13.55
C VAL A 116 -11.68 -7.88 -13.53
N ALA A 117 -12.75 -7.47 -14.20
CA ALA A 117 -13.07 -6.06 -14.22
C ALA A 117 -14.56 -5.79 -14.11
N VAL A 118 -14.89 -4.67 -13.49
CA VAL A 118 -16.27 -4.25 -13.39
C VAL A 118 -16.32 -3.05 -14.31
N GLU A 119 -17.08 -3.18 -15.39
CA GLU A 119 -17.19 -2.13 -16.39
C GLU A 119 -18.45 -1.29 -16.32
N PHE A 120 -18.29 -0.03 -16.73
CA PHE A 120 -19.37 0.94 -16.80
C PHE A 120 -19.20 1.35 -18.26
N ASP A 121 -19.86 0.58 -19.10
CA ASP A 121 -19.80 0.64 -20.55
C ASP A 121 -20.81 1.60 -21.17
N THR A 122 -20.31 2.65 -21.81
CA THR A 122 -21.18 3.67 -22.39
C THR A 122 -21.45 3.58 -23.89
N PHE A 123 -20.82 2.62 -24.56
CA PHE A 123 -20.97 2.49 -26.01
C PHE A 123 -21.27 1.06 -26.45
N TYR A 124 -22.27 0.91 -27.31
CA TYR A 124 -22.65 -0.42 -27.80
C TYR A 124 -21.71 -0.97 -28.86
N ASN A 125 -20.97 -2.01 -28.50
CA ASN A 125 -20.08 -2.70 -29.42
C ASN A 125 -20.87 -3.94 -29.85
N ALA A 126 -21.42 -3.88 -31.05
CA ALA A 126 -22.28 -4.94 -31.59
C ALA A 126 -21.74 -6.37 -31.49
N ALA A 127 -20.45 -6.52 -31.66
CA ALA A 127 -19.82 -7.84 -31.61
C ALA A 127 -19.98 -8.59 -30.29
N TRP A 128 -20.15 -7.87 -29.18
CA TRP A 128 -20.27 -8.54 -27.90
C TRP A 128 -21.18 -7.92 -26.84
N ASP A 129 -21.51 -6.64 -26.96
CA ASP A 129 -22.34 -5.99 -25.95
C ASP A 129 -23.81 -6.43 -26.01
N PRO A 130 -24.54 -6.25 -24.92
CA PRO A 130 -25.96 -6.65 -24.87
C PRO A 130 -26.74 -6.09 -26.07
N SER A 131 -27.51 -6.96 -26.73
CA SER A 131 -28.28 -6.59 -27.92
C SER A 131 -29.29 -5.45 -27.77
N ASN A 132 -29.73 -5.20 -26.54
CA ASN A 132 -30.68 -4.10 -26.30
C ASN A 132 -30.03 -2.75 -26.56
N ARG A 133 -28.70 -2.77 -26.75
CA ARG A 133 -27.91 -1.57 -27.03
C ARG A 133 -27.85 -0.54 -25.91
N ASP A 134 -28.27 -0.90 -24.70
CA ASP A 134 -28.22 0.08 -23.62
C ASP A 134 -26.82 0.15 -23.04
N ARG A 135 -26.52 1.28 -22.39
CA ARG A 135 -25.25 1.44 -21.70
C ARG A 135 -25.47 0.47 -20.57
N HIS A 136 -24.39 -0.05 -20.00
CA HIS A 136 -24.57 -1.06 -18.97
C HIS A 136 -23.38 -1.26 -18.07
N ILE A 137 -23.65 -1.83 -16.90
CA ILE A 137 -22.62 -2.20 -15.95
C ILE A 137 -22.38 -3.67 -16.25
N GLY A 138 -21.14 -4.13 -16.16
CA GLY A 138 -20.87 -5.53 -16.44
C GLY A 138 -19.75 -6.09 -15.61
N ILE A 139 -19.75 -7.42 -15.46
CA ILE A 139 -18.68 -8.10 -14.75
C ILE A 139 -17.92 -8.85 -15.84
N ASP A 140 -16.63 -8.54 -16.00
CA ASP A 140 -15.78 -9.13 -17.03
C ASP A 140 -14.75 -10.07 -16.46
N VAL A 141 -14.64 -11.26 -17.06
CA VAL A 141 -13.66 -12.24 -16.59
C VAL A 141 -12.83 -12.73 -17.77
N ASN A 142 -11.62 -12.21 -17.88
CA ASN A 142 -10.70 -12.60 -18.96
C ASN A 142 -11.29 -12.41 -20.36
N SER A 143 -12.19 -11.44 -20.50
CA SER A 143 -12.82 -11.17 -21.78
C SER A 143 -13.67 -9.91 -21.69
N ILE A 144 -13.78 -9.17 -22.79
CA ILE A 144 -14.59 -7.96 -22.84
C ILE A 144 -16.09 -8.29 -22.92
N LYS A 145 -16.40 -9.55 -23.24
CA LYS A 145 -17.78 -10.00 -23.28
C LYS A 145 -18.15 -10.41 -21.86
N SER A 146 -18.87 -9.53 -21.17
CA SER A 146 -19.24 -9.76 -19.77
C SER A 146 -19.99 -11.07 -19.47
N VAL A 147 -19.77 -11.60 -18.27
CA VAL A 147 -20.45 -12.81 -17.83
C VAL A 147 -21.85 -12.42 -17.33
N ASN A 148 -22.02 -11.14 -17.00
CA ASN A 148 -23.30 -10.62 -16.52
C ASN A 148 -23.34 -9.11 -16.71
N THR A 149 -24.50 -8.58 -17.05
CA THR A 149 -24.65 -7.14 -17.23
C THR A 149 -25.95 -6.64 -16.63
N LYS A 150 -26.05 -5.32 -16.56
CA LYS A 150 -27.24 -4.67 -16.04
C LYS A 150 -27.37 -3.34 -16.78
N SER A 151 -28.51 -3.11 -17.41
CA SER A 151 -28.71 -1.86 -18.13
C SER A 151 -28.53 -0.68 -17.17
N TRP A 152 -27.90 0.38 -17.66
CA TRP A 152 -27.62 1.54 -16.84
C TRP A 152 -27.85 2.82 -17.62
N LYS A 153 -28.59 3.75 -17.02
CA LYS A 153 -28.87 5.02 -17.68
C LYS A 153 -27.82 6.03 -17.25
N LEU A 154 -26.89 6.32 -18.16
CA LEU A 154 -25.83 7.27 -17.84
C LEU A 154 -26.41 8.65 -17.56
N GLN A 155 -25.93 9.29 -16.50
CA GLN A 155 -26.36 10.64 -16.19
C GLN A 155 -25.13 11.51 -16.45
N ASN A 156 -25.11 12.15 -17.61
CA ASN A 156 -24.00 12.99 -18.02
C ASN A 156 -23.63 14.02 -16.94
N GLY A 157 -22.35 14.05 -16.56
CA GLY A 157 -21.85 14.98 -15.56
C GLY A 157 -22.18 14.77 -14.08
N GLU A 158 -22.99 13.76 -13.79
CA GLU A 158 -23.40 13.47 -12.41
C GLU A 158 -22.42 12.54 -11.68
N GLU A 159 -22.30 12.71 -10.37
CA GLU A 159 -21.42 11.86 -9.60
C GLU A 159 -22.06 10.50 -9.33
N ALA A 160 -21.38 9.43 -9.73
CA ALA A 160 -21.88 8.09 -9.51
C ALA A 160 -21.11 7.50 -8.33
N ASN A 161 -21.84 7.05 -7.30
CA ASN A 161 -21.22 6.46 -6.13
C ASN A 161 -21.22 4.94 -6.33
N VAL A 162 -20.04 4.34 -6.39
CA VAL A 162 -19.96 2.91 -6.62
C VAL A 162 -19.39 2.16 -5.41
N VAL A 163 -19.91 0.95 -5.20
CA VAL A 163 -19.39 0.06 -4.18
C VAL A 163 -19.28 -1.30 -4.84
N ILE A 164 -18.10 -1.91 -4.75
CA ILE A 164 -17.87 -3.22 -5.29
C ILE A 164 -17.34 -4.09 -4.15
N ALA A 165 -17.97 -5.22 -3.91
CA ALA A 165 -17.51 -6.07 -2.82
C ALA A 165 -17.41 -7.53 -3.26
N PHE A 166 -16.46 -8.24 -2.67
CA PHE A 166 -16.29 -9.65 -2.96
C PHE A 166 -16.38 -10.44 -1.66
N ASN A 167 -17.24 -11.47 -1.67
CA ASN A 167 -17.47 -12.33 -0.53
C ASN A 167 -16.77 -13.65 -0.81
N ALA A 168 -15.67 -13.90 -0.10
CA ALA A 168 -14.89 -15.12 -0.31
C ALA A 168 -15.60 -16.40 0.08
N ALA A 169 -16.57 -16.31 0.97
CA ALA A 169 -17.29 -17.51 1.40
C ALA A 169 -18.21 -18.06 0.31
N THR A 170 -18.65 -17.18 -0.58
CA THR A 170 -19.57 -17.59 -1.65
C THR A 170 -19.03 -17.32 -3.06
N ASN A 171 -17.89 -16.63 -3.14
CA ASN A 171 -17.27 -16.26 -4.41
C ASN A 171 -18.17 -15.29 -5.16
N VAL A 172 -19.00 -14.55 -4.42
CA VAL A 172 -19.90 -13.60 -5.06
C VAL A 172 -19.32 -12.20 -5.12
N LEU A 173 -19.34 -11.64 -6.32
CA LEU A 173 -18.89 -10.28 -6.56
C LEU A 173 -20.14 -9.44 -6.77
N THR A 174 -20.30 -8.40 -5.97
CA THR A 174 -21.47 -7.55 -6.11
C THR A 174 -21.06 -6.13 -6.44
N VAL A 175 -21.83 -5.49 -7.30
CA VAL A 175 -21.58 -4.12 -7.70
C VAL A 175 -22.83 -3.29 -7.55
N SER A 176 -22.67 -2.06 -7.07
CA SER A 176 -23.79 -1.14 -6.96
C SER A 176 -23.34 0.24 -7.43
N LEU A 177 -24.17 0.89 -8.24
CA LEU A 177 -23.90 2.23 -8.72
C LEU A 177 -25.11 3.06 -8.30
N THR A 178 -24.86 4.20 -7.67
CA THR A 178 -25.93 5.06 -7.20
C THR A 178 -25.76 6.52 -7.57
N TYR A 179 -26.80 7.09 -8.17
CA TYR A 179 -26.82 8.50 -8.52
C TYR A 179 -27.78 9.12 -7.50
N PRO A 180 -27.52 10.36 -7.09
CA PRO A 180 -28.39 11.05 -6.13
C PRO A 180 -29.79 11.31 -6.71
N ASN A 181 -29.89 11.47 -8.03
CA ASN A 181 -31.19 11.71 -8.67
C ASN A 181 -31.62 10.49 -9.46
N SER A 182 -31.95 9.45 -8.89
N VAL B 1 -32.77 9.32 -6.24
CA VAL B 1 -31.77 8.29 -5.86
C VAL B 1 -32.02 7.08 -6.75
N THR B 2 -31.08 6.83 -7.66
CA THR B 2 -31.21 5.71 -8.59
C THR B 2 -30.05 4.77 -8.44
N SER B 3 -30.36 3.52 -8.09
CA SER B 3 -29.33 2.50 -7.88
C SER B 3 -29.43 1.37 -8.88
N TYR B 4 -28.27 0.82 -9.24
CA TYR B 4 -28.18 -0.29 -10.15
C TYR B 4 -27.31 -1.31 -9.45
N THR B 5 -27.76 -2.57 -9.42
CA THR B 5 -26.98 -3.60 -8.75
C THR B 5 -26.77 -4.80 -9.67
N LEU B 6 -25.62 -5.43 -9.49
CA LEU B 6 -25.27 -6.58 -10.31
C LEU B 6 -24.43 -7.51 -9.45
N SER B 7 -24.63 -8.81 -9.62
CA SER B 7 -23.84 -9.77 -8.87
C SER B 7 -23.66 -11.04 -9.67
N ASP B 8 -22.56 -11.73 -9.38
CA ASP B 8 -22.27 -12.99 -10.05
C ASP B 8 -21.21 -13.74 -9.29
N VAL B 9 -21.12 -15.02 -9.55
CA VAL B 9 -20.13 -15.87 -8.92
C VAL B 9 -18.88 -15.83 -9.78
N VAL B 10 -17.75 -15.53 -9.15
CA VAL B 10 -16.49 -15.48 -9.86
C VAL B 10 -15.41 -16.12 -9.00
N SER B 11 -14.87 -17.24 -9.47
CA SER B 11 -13.83 -17.93 -8.71
C SER B 11 -12.51 -17.19 -8.91
N LEU B 12 -12.27 -16.15 -8.11
CA LEU B 12 -11.05 -15.35 -8.22
C LEU B 12 -9.78 -16.19 -8.21
N LYS B 13 -9.75 -17.19 -7.34
CA LYS B 13 -8.61 -18.07 -7.20
C LYS B 13 -8.21 -18.76 -8.51
N ASP B 14 -9.17 -18.92 -9.42
CA ASP B 14 -8.90 -19.58 -10.70
C ASP B 14 -8.72 -18.60 -11.86
N VAL B 15 -8.77 -17.31 -11.57
CA VAL B 15 -8.65 -16.31 -12.63
C VAL B 15 -7.45 -15.36 -12.48
N VAL B 16 -7.30 -14.77 -11.30
CA VAL B 16 -6.21 -13.82 -11.07
C VAL B 16 -5.09 -14.45 -10.26
N PRO B 17 -3.90 -13.86 -10.31
CA PRO B 17 -2.77 -14.40 -9.54
C PRO B 17 -2.98 -14.19 -8.05
N GLU B 18 -2.15 -14.86 -7.24
CA GLU B 18 -2.24 -14.74 -5.79
C GLU B 18 -2.14 -13.28 -5.36
N TRP B 19 -1.26 -12.55 -6.04
CA TRP B 19 -1.04 -11.13 -5.81
C TRP B 19 -1.54 -10.37 -7.02
N VAL B 20 -2.16 -9.22 -6.77
CA VAL B 20 -2.68 -8.42 -7.87
C VAL B 20 -2.49 -6.94 -7.60
N ARG B 21 -2.76 -6.14 -8.62
CA ARG B 21 -2.79 -4.71 -8.43
C ARG B 21 -4.22 -4.35 -8.83
N ILE B 22 -4.80 -3.37 -8.15
CA ILE B 22 -6.16 -2.96 -8.48
C ILE B 22 -6.07 -1.56 -9.05
N GLY B 23 -7.05 -1.18 -9.86
CA GLY B 23 -7.01 0.15 -10.43
C GLY B 23 -8.24 0.49 -11.23
N PHE B 24 -8.15 1.63 -11.91
CA PHE B 24 -9.20 2.15 -12.77
C PHE B 24 -8.66 2.31 -14.18
N SER B 25 -9.55 2.14 -15.15
CA SER B 25 -9.21 2.35 -16.55
C SER B 25 -10.36 3.11 -17.16
N ALA B 26 -10.07 3.82 -18.25
CA ALA B 26 -11.08 4.54 -19.01
C ALA B 26 -10.51 4.74 -20.40
N THR B 27 -11.33 4.54 -21.42
CA THR B 27 -10.88 4.69 -22.80
C THR B 27 -11.93 5.39 -23.65
N THR B 28 -11.49 5.84 -24.82
CA THR B 28 -12.34 6.47 -25.81
C THR B 28 -11.90 5.84 -27.11
N GLY B 29 -12.69 6.00 -28.16
CA GLY B 29 -12.37 5.47 -29.46
C GLY B 29 -12.73 6.54 -30.48
N ALA B 30 -13.59 6.20 -31.44
CA ALA B 30 -14.03 7.19 -32.43
C ALA B 30 -15.02 8.15 -31.75
N GLU B 31 -15.64 7.69 -30.67
CA GLU B 31 -16.56 8.49 -29.88
C GLU B 31 -15.85 8.67 -28.54
N TYR B 32 -16.16 9.74 -27.80
CA TYR B 32 -15.41 10.02 -26.58
C TYR B 32 -16.17 10.71 -25.45
N ALA B 33 -15.44 10.93 -24.36
CA ALA B 33 -15.95 11.58 -23.16
C ALA B 33 -14.80 11.68 -22.17
N ALA B 34 -14.92 12.58 -21.19
CA ALA B 34 -13.92 12.69 -20.14
C ALA B 34 -14.34 11.74 -19.02
N HIS B 35 -13.36 11.06 -18.43
CA HIS B 35 -13.62 10.12 -17.34
C HIS B 35 -12.77 10.54 -16.16
N GLU B 36 -13.41 10.77 -15.02
CA GLU B 36 -12.69 11.20 -13.83
C GLU B 36 -13.15 10.50 -12.57
N VAL B 37 -12.26 10.44 -11.58
CA VAL B 37 -12.56 9.81 -10.31
C VAL B 37 -12.38 10.89 -9.24
N LEU B 38 -13.34 10.98 -8.33
CA LEU B 38 -13.31 11.99 -7.29
C LEU B 38 -12.81 11.50 -5.92
N SER B 39 -13.00 10.23 -5.63
CA SER B 39 -12.57 9.66 -4.35
C SER B 39 -12.48 8.15 -4.46
N TRP B 40 -11.69 7.55 -3.58
CA TRP B 40 -11.48 6.11 -3.64
C TRP B 40 -11.07 5.52 -2.31
N SER B 41 -11.66 4.39 -1.94
CA SER B 41 -11.30 3.70 -0.71
C SER B 41 -11.29 2.20 -1.00
N PHE B 42 -10.51 1.46 -0.24
CA PHE B 42 -10.38 0.03 -0.44
C PHE B 42 -10.00 -0.67 0.84
N HIS B 43 -10.53 -1.86 1.04
CA HIS B 43 -10.17 -2.68 2.20
C HIS B 43 -10.27 -4.15 1.84
N SER B 44 -9.22 -4.91 2.15
CA SER B 44 -9.21 -6.35 1.89
C SER B 44 -8.71 -7.08 3.11
N GLU B 45 -9.21 -8.28 3.32
CA GLU B 45 -8.75 -9.11 4.43
C GLU B 45 -8.63 -10.54 3.95
N LEU B 46 -7.43 -11.11 4.12
CA LEU B 46 -7.17 -12.49 3.75
C LEU B 46 -6.85 -13.20 5.07
N SER B 47 -7.67 -14.17 5.43
CA SER B 47 -7.45 -14.90 6.68
C SER B 47 -7.08 -16.34 6.46
N GLY B 48 -5.86 -16.70 6.86
CA GLY B 48 -5.37 -18.06 6.72
C GLY B 48 -5.14 -18.73 8.06
N THR C 1 -8.96 13.94 3.06
CA THR C 1 -8.33 12.92 3.95
C THR C 1 -7.65 11.81 3.16
N GLU C 2 -6.49 11.38 3.64
CA GLU C 2 -5.72 10.32 3.02
C GLU C 2 -5.21 9.38 4.09
N THR C 3 -5.51 8.09 3.96
CA THR C 3 -5.03 7.12 4.92
C THR C 3 -4.38 5.95 4.21
N THR C 4 -3.46 5.30 4.91
CA THR C 4 -2.78 4.13 4.39
C THR C 4 -2.73 3.15 5.55
N SER C 5 -3.16 1.91 5.32
CA SER C 5 -3.09 0.92 6.40
C SER C 5 -2.80 -0.47 5.87
N PHE C 6 -2.21 -1.30 6.72
CA PHE C 6 -1.94 -2.69 6.36
C PHE C 6 -1.64 -3.48 7.63
N LEU C 7 -1.82 -4.79 7.52
CA LEU C 7 -1.55 -5.72 8.61
C LEU C 7 -1.02 -7.02 8.02
N ILE C 8 0.02 -7.55 8.65
CA ILE C 8 0.60 -8.82 8.22
C ILE C 8 0.97 -9.57 9.48
N THR C 9 0.33 -10.72 9.71
CA THR C 9 0.64 -11.51 10.91
C THR C 9 1.49 -12.73 10.60
N LYS C 10 1.59 -13.05 9.32
CA LYS C 10 2.38 -14.20 8.87
C LYS C 10 2.90 -13.79 7.50
N PHE C 11 4.19 -13.97 7.29
CA PHE C 11 4.82 -13.58 6.03
C PHE C 11 4.93 -14.69 5.01
N SER C 12 4.49 -14.42 3.79
CA SER C 12 4.57 -15.39 2.69
C SER C 12 5.98 -15.42 2.14
N PRO C 13 6.34 -16.52 1.48
CA PRO C 13 7.67 -16.66 0.88
C PRO C 13 7.89 -15.58 -0.18
N ASP C 14 6.79 -15.06 -0.73
CA ASP C 14 6.86 -13.99 -1.73
C ASP C 14 5.87 -12.92 -1.29
N GLN C 15 6.30 -12.13 -0.31
CA GLN C 15 5.47 -11.06 0.27
C GLN C 15 5.61 -9.84 -0.63
N GLN C 16 4.87 -9.85 -1.73
CA GLN C 16 4.97 -8.79 -2.74
C GLN C 16 4.64 -7.35 -2.34
N ASN C 17 4.01 -7.15 -1.20
CA ASN C 17 3.73 -5.77 -0.77
C ASN C 17 4.88 -5.16 0.03
N LEU C 18 6.01 -5.87 0.08
CA LEU C 18 7.22 -5.40 0.76
C LEU C 18 8.39 -5.30 -0.23
N ILE C 19 9.30 -4.37 0.04
CA ILE C 19 10.49 -4.19 -0.76
C ILE C 19 11.63 -4.64 0.11
N PHE C 20 12.43 -5.59 -0.36
CA PHE C 20 13.55 -6.08 0.45
C PHE C 20 14.89 -5.54 -0.02
N GLN C 21 15.80 -5.35 0.92
CA GLN C 21 17.14 -4.86 0.60
C GLN C 21 18.17 -5.61 1.41
N GLY C 22 19.35 -5.80 0.85
CA GLY C 22 20.40 -6.51 1.53
C GLY C 22 20.00 -7.95 1.78
N ASP C 23 20.20 -8.42 3.01
CA ASP C 23 19.86 -9.79 3.40
C ASP C 23 18.41 -9.99 3.82
N GLY C 24 17.57 -8.98 3.63
CA GLY C 24 16.17 -9.11 4.02
C GLY C 24 15.38 -10.02 3.10
N TYR C 25 14.61 -10.92 3.71
CA TYR C 25 13.73 -11.83 2.97
C TYR C 25 12.83 -12.56 3.96
N THR C 26 11.84 -13.28 3.46
CA THR C 26 10.93 -14.00 4.34
C THR C 26 11.23 -15.49 4.37
N THR C 27 11.07 -16.09 5.53
CA THR C 27 11.30 -17.51 5.69
C THR C 27 10.57 -17.98 6.93
N LYS C 28 10.01 -19.19 6.86
CA LYS C 28 9.29 -19.76 8.00
C LYS C 28 8.24 -18.82 8.57
N GLU C 29 7.51 -18.16 7.68
CA GLU C 29 6.44 -17.24 8.06
C GLU C 29 6.90 -15.97 8.77
N LYS C 30 8.21 -15.75 8.81
CA LYS C 30 8.79 -14.58 9.44
C LYS C 30 9.51 -13.68 8.43
N LEU C 31 9.76 -12.44 8.84
CA LEU C 31 10.48 -11.49 8.02
C LEU C 31 11.87 -11.45 8.62
N THR C 32 12.86 -11.98 7.92
CA THR C 32 14.21 -11.94 8.49
C THR C 32 15.02 -10.79 7.89
N LEU C 33 15.71 -10.07 8.74
CA LEU C 33 16.53 -8.95 8.30
C LEU C 33 17.98 -9.41 8.20
N THR C 34 18.45 -10.13 9.21
CA THR C 34 19.79 -10.70 9.14
C THR C 34 19.79 -12.03 9.84
N LYS C 35 20.78 -12.85 9.49
CA LYS C 35 21.00 -14.12 10.14
C LYS C 35 22.17 -13.78 11.07
N ALA C 36 22.59 -14.73 11.90
CA ALA C 36 23.71 -14.48 12.80
C ALA C 36 25.03 -14.61 12.06
N VAL C 37 25.37 -13.59 11.27
CA VAL C 37 26.60 -13.55 10.50
C VAL C 37 27.20 -12.16 10.60
N LYS C 38 28.51 -12.05 10.46
CA LYS C 38 29.19 -10.76 10.57
C LYS C 38 28.98 -9.78 9.43
N ASN C 39 29.10 -8.50 9.77
CA ASN C 39 29.02 -7.39 8.83
C ASN C 39 27.97 -7.44 7.73
N THR C 40 26.72 -7.54 8.11
CA THR C 40 25.67 -7.56 7.09
C THR C 40 24.57 -6.56 7.41
N VAL C 41 23.63 -6.44 6.48
CA VAL C 41 22.51 -5.52 6.63
C VAL C 41 21.32 -6.10 5.89
N GLY C 42 20.14 -5.82 6.42
CA GLY C 42 18.91 -6.25 5.78
C GLY C 42 17.87 -5.20 6.07
N ARG C 43 17.04 -4.86 5.09
CA ARG C 43 15.96 -3.90 5.31
C ARG C 43 14.72 -4.40 4.59
N ALA C 44 13.56 -3.93 5.04
CA ALA C 44 12.28 -4.30 4.43
C ALA C 44 11.41 -3.08 4.56
N LEU C 45 10.86 -2.62 3.44
CA LEU C 45 10.01 -1.44 3.43
C LEU C 45 8.64 -1.75 2.88
N TYR C 46 7.63 -1.01 3.34
CA TYR C 46 6.29 -1.21 2.78
C TYR C 46 6.30 -0.67 1.35
N SER C 47 5.63 -1.39 0.45
CA SER C 47 5.62 -1.01 -0.96
C SER C 47 5.07 0.38 -1.27
N SER C 48 3.95 0.76 -0.65
CA SER C 48 3.36 2.06 -0.95
C SER C 48 4.00 3.25 -0.27
N PRO C 49 4.28 4.29 -1.03
CA PRO C 49 4.74 5.53 -0.42
C PRO C 49 3.62 5.98 0.52
N ILE C 50 3.99 6.68 1.57
CA ILE C 50 3.05 7.13 2.58
C ILE C 50 3.08 8.65 2.68
N HIS C 51 1.90 9.26 2.69
CA HIS C 51 1.80 10.72 2.77
C HIS C 51 1.84 11.18 4.23
N ILE C 52 3.00 11.70 4.65
CA ILE C 52 3.22 12.14 6.02
C ILE C 52 2.84 13.59 6.31
N TRP C 53 3.09 14.48 5.35
CA TRP C 53 2.72 15.88 5.51
C TRP C 53 2.49 16.56 4.17
N ASP C 54 1.87 17.72 4.21
CA ASP C 54 1.55 18.46 2.99
C ASP C 54 1.95 19.91 3.15
N ARG C 55 2.77 20.41 2.24
CA ARG C 55 3.26 21.78 2.29
C ARG C 55 2.19 22.88 2.21
N GLU C 56 1.32 22.80 1.22
CA GLU C 56 0.28 23.82 1.06
C GLU C 56 -0.60 24.05 2.29
N THR C 57 -1.11 22.96 2.87
CA THR C 57 -1.96 23.07 4.05
C THR C 57 -1.16 23.10 5.35
N GLY C 58 0.05 22.53 5.32
CA GLY C 58 0.88 22.46 6.50
C GLY C 58 0.43 21.30 7.39
N ASN C 59 -0.55 20.54 6.92
CA ASN C 59 -1.07 19.39 7.67
C ASN C 59 -0.03 18.29 7.83
N VAL C 60 -0.04 17.63 8.98
CA VAL C 60 0.87 16.54 9.27
C VAL C 60 0.03 15.36 9.71
N ALA C 61 0.47 14.17 9.34
CA ALA C 61 -0.28 12.96 9.66
C ALA C 61 -0.10 12.41 11.07
N ASN C 62 -1.13 11.72 11.54
CA ASN C 62 -1.08 11.00 12.78
C ASN C 62 -0.81 9.59 12.27
N PHE C 63 0.03 8.82 12.96
CA PHE C 63 0.26 7.46 12.51
C PHE C 63 0.62 6.56 13.68
N VAL C 64 0.46 5.26 13.47
CA VAL C 64 0.77 4.26 14.47
C VAL C 64 1.22 2.97 13.81
N THR C 65 2.18 2.30 14.42
CA THR C 65 2.65 1.03 13.87
C THR C 65 2.88 0.05 15.01
N SER C 66 2.53 -1.21 14.74
CA SER C 66 2.71 -2.28 15.71
C SER C 66 3.50 -3.38 15.04
N PHE C 67 4.44 -3.97 15.78
CA PHE C 67 5.20 -5.08 15.24
C PHE C 67 5.80 -5.84 16.40
N THR C 68 6.10 -7.11 16.15
CA THR C 68 6.72 -7.96 17.16
C THR C 68 8.02 -8.42 16.54
N PHE C 69 9.13 -8.23 17.23
CA PHE C 69 10.42 -8.66 16.71
C PHE C 69 11.17 -9.57 17.68
N VAL C 70 12.17 -10.27 17.15
CA VAL C 70 12.99 -11.16 17.95
C VAL C 70 14.43 -11.07 17.51
N ILE C 71 15.33 -11.07 18.48
CA ILE C 71 16.75 -11.05 18.21
C ILE C 71 17.26 -12.37 18.78
N ASN C 72 17.89 -13.17 17.93
CA ASN C 72 18.44 -14.45 18.36
C ASN C 72 19.96 -14.38 18.27
N ALA C 73 20.62 -14.44 19.43
CA ALA C 73 22.08 -14.37 19.45
C ALA C 73 22.74 -15.66 19.95
N PRO C 74 23.69 -16.18 19.17
CA PRO C 74 24.43 -17.39 19.56
C PRO C 74 24.96 -17.20 20.98
N ASN C 75 25.82 -16.20 21.18
CA ASN C 75 26.32 -15.90 22.51
C ASN C 75 25.49 -14.75 23.06
N SER C 76 24.63 -15.07 24.03
CA SER C 76 23.74 -14.10 24.65
C SER C 76 24.43 -12.84 25.17
N TYR C 77 25.76 -12.83 25.21
CA TYR C 77 26.46 -11.66 25.75
C TYR C 77 27.34 -10.91 24.75
N ASN C 78 27.35 -11.39 23.52
CA ASN C 78 28.11 -10.76 22.44
C ASN C 78 27.09 -10.60 21.32
N VAL C 79 26.39 -9.48 21.36
CA VAL C 79 25.33 -9.17 20.40
C VAL C 79 25.51 -7.81 19.73
N ALA C 80 25.20 -7.75 18.43
CA ALA C 80 25.28 -6.51 17.67
C ALA C 80 24.50 -6.70 16.36
N ASP C 81 24.02 -5.62 15.75
CA ASP C 81 24.16 -4.27 16.29
C ASP C 81 22.82 -3.70 16.72
N GLY C 82 21.76 -4.24 16.13
CA GLY C 82 20.46 -3.74 16.49
C GLY C 82 19.48 -3.73 15.36
N PHE C 83 18.32 -3.17 15.65
CA PHE C 83 17.20 -3.16 14.73
C PHE C 83 16.44 -1.85 14.84
N THR C 84 15.87 -1.37 13.74
CA THR C 84 15.08 -0.13 13.78
C THR C 84 13.82 -0.17 12.95
N PHE C 85 12.94 0.77 13.26
CA PHE C 85 11.76 1.01 12.44
C PHE C 85 12.13 2.42 11.95
N PHE C 86 12.01 2.66 10.65
CA PHE C 86 12.39 3.98 10.14
C PHE C 86 11.42 4.58 9.14
N ILE C 87 11.55 5.88 8.94
CA ILE C 87 10.74 6.64 8.01
C ILE C 87 11.77 7.43 7.21
N ALA C 88 11.81 7.22 5.90
CA ALA C 88 12.82 7.90 5.08
C ALA C 88 12.23 8.31 3.74
N PRO C 89 13.03 8.96 2.90
CA PRO C 89 12.56 9.35 1.57
C PRO C 89 12.11 8.09 0.81
N VAL C 90 11.18 8.24 -0.12
CA VAL C 90 10.62 7.10 -0.84
C VAL C 90 11.64 6.17 -1.52
N ASP C 91 12.71 6.77 -2.03
CA ASP C 91 13.76 6.04 -2.74
C ASP C 91 14.97 5.76 -1.87
N THR C 92 14.75 5.26 -0.66
CA THR C 92 15.84 5.00 0.25
C THR C 92 16.53 3.63 0.06
N LYS C 93 17.85 3.62 0.19
CA LYS C 93 18.65 2.40 0.08
C LYS C 93 19.47 2.26 1.36
N PRO C 94 20.00 1.07 1.66
CA PRO C 94 20.76 0.87 2.90
C PRO C 94 21.90 1.86 3.06
N GLN C 95 21.98 2.44 4.25
CA GLN C 95 23.03 3.40 4.55
C GLN C 95 24.20 2.68 5.20
N THR C 96 24.99 3.41 5.98
CA THR C 96 26.14 2.79 6.65
C THR C 96 25.70 1.63 7.52
N GLY C 97 26.51 0.58 7.54
CA GLY C 97 26.20 -0.61 8.32
C GLY C 97 26.75 -0.59 9.72
N GLY C 98 26.88 -1.77 10.31
CA GLY C 98 27.41 -1.90 11.65
C GLY C 98 26.61 -1.08 12.64
N GLY C 99 27.31 -0.31 13.46
CA GLY C 99 26.67 0.51 14.48
C GLY C 99 25.76 1.60 13.93
N TYR C 100 25.80 1.83 12.62
CA TYR C 100 24.97 2.86 12.00
C TYR C 100 23.57 2.32 11.66
N LEU C 101 23.40 1.01 11.84
CA LEU C 101 22.10 0.36 11.68
C LEU C 101 21.48 0.40 10.28
N GLY C 102 22.28 0.69 9.27
CA GLY C 102 21.79 0.75 7.90
C GLY C 102 20.85 1.92 7.60
N VAL C 103 20.76 2.87 8.53
CA VAL C 103 19.87 4.02 8.33
C VAL C 103 20.52 5.40 8.46
N PHE C 104 21.66 5.49 9.15
CA PHE C 104 22.35 6.76 9.31
C PHE C 104 23.81 6.65 8.87
N ASN C 105 24.47 7.79 8.71
CA ASN C 105 25.85 7.80 8.27
C ASN C 105 26.84 8.52 9.17
N SER C 106 26.34 9.15 10.22
CA SER C 106 27.18 9.89 11.15
C SER C 106 26.45 10.18 12.45
N ALA C 107 27.22 10.55 13.48
CA ALA C 107 26.66 10.91 14.77
C ALA C 107 26.35 12.40 14.70
N GLU C 108 26.97 13.06 13.72
CA GLU C 108 26.76 14.47 13.47
C GLU C 108 25.40 14.61 12.79
N TYR C 109 24.69 15.70 13.08
CA TYR C 109 23.39 15.92 12.48
C TYR C 109 23.50 16.18 10.98
N ASP C 110 22.83 15.36 10.18
CA ASP C 110 22.86 15.50 8.73
C ASP C 110 21.47 15.68 8.17
N LYS C 111 21.14 16.93 7.86
CA LYS C 111 19.83 17.28 7.33
C LYS C 111 19.46 16.53 6.05
N THR C 112 20.46 16.13 5.26
CA THR C 112 20.19 15.44 3.99
C THR C 112 19.70 14.00 4.15
N THR C 113 19.94 13.37 5.29
CA THR C 113 19.47 12.00 5.48
C THR C 113 17.94 11.94 5.43
N GLN C 114 17.29 12.99 5.94
CA GLN C 114 15.82 13.09 5.99
C GLN C 114 15.17 11.82 6.55
N THR C 115 15.75 11.28 7.62
CA THR C 115 15.23 10.05 8.21
C THR C 115 15.02 10.12 9.72
N VAL C 116 13.93 9.51 10.16
CA VAL C 116 13.61 9.42 11.57
C VAL C 116 13.51 7.93 11.85
N ALA C 117 14.10 7.47 12.94
CA ALA C 117 14.03 6.05 13.27
C ALA C 117 13.95 5.81 14.75
N VAL C 118 13.38 4.67 15.10
CA VAL C 118 13.34 4.24 16.49
C VAL C 118 14.26 3.02 16.51
N GLU C 119 15.36 3.13 17.25
CA GLU C 119 16.32 2.02 17.31
C GLU C 119 16.22 1.18 18.57
N PHE C 120 16.59 -0.10 18.40
CA PHE C 120 16.68 -1.08 19.48
C PHE C 120 18.12 -1.52 19.29
N ASP C 121 18.98 -0.80 20.01
CA ASP C 121 20.42 -0.91 19.97
C ASP C 121 20.98 -1.89 20.97
N THR C 122 21.62 -2.95 20.46
CA THR C 122 22.16 -4.01 21.30
C THR C 122 23.67 -3.95 21.52
N PHE C 123 24.32 -2.95 20.93
CA PHE C 123 25.77 -2.84 21.06
C PHE C 123 26.23 -1.43 21.39
N TYR C 124 27.06 -1.31 22.42
CA TYR C 124 27.58 0.00 22.82
C TYR C 124 28.70 0.50 21.91
N ASN C 125 28.43 1.58 21.19
CA ASN C 125 29.40 2.22 20.32
C ASN C 125 29.87 3.42 21.10
N ALA C 126 31.09 3.35 21.64
CA ALA C 126 31.64 4.42 22.49
C ALA C 126 31.58 5.83 21.91
N ALA C 127 31.67 5.94 20.60
CA ALA C 127 31.64 7.25 19.97
C ALA C 127 30.34 8.05 20.17
N TRP C 128 29.24 7.38 20.47
CA TRP C 128 27.96 8.10 20.61
C TRP C 128 26.87 7.49 21.49
N ASP C 129 26.97 6.21 21.84
CA ASP C 129 25.93 5.60 22.65
C ASP C 129 25.98 6.02 24.12
N PRO C 130 24.88 5.86 24.85
CA PRO C 130 24.82 6.25 26.26
C PRO C 130 26.00 5.65 27.04
N SER C 131 26.66 6.48 27.83
CA SER C 131 27.84 6.08 28.59
C SER C 131 27.67 4.92 29.58
N ASN C 132 26.45 4.63 30.02
CA ASN C 132 26.26 3.51 30.94
C ASN C 132 26.48 2.17 30.24
N ARG C 133 26.62 2.22 28.91
CA ARG C 133 26.85 1.04 28.07
C ARG C 133 25.65 0.10 27.95
N ASP C 134 24.50 0.52 28.46
CA ASP C 134 23.32 -0.34 28.39
C ASP C 134 22.78 -0.43 26.98
N ARG C 135 22.14 -1.57 26.69
CA ARG C 135 21.49 -1.72 25.41
C ARG C 135 20.33 -0.73 25.61
N HIS C 136 19.76 -0.21 24.53
CA HIS C 136 18.74 0.79 24.73
C HIS C 136 17.82 1.01 23.54
N ILE C 137 16.69 1.64 23.83
CA ILE C 137 15.75 2.04 22.81
C ILE C 137 16.09 3.51 22.59
N GLY C 138 16.04 3.98 21.35
CA GLY C 138 16.37 5.37 21.09
C GLY C 138 15.57 5.97 19.95
N ILE C 139 15.41 7.29 20.02
CA ILE C 139 14.71 8.01 18.95
C ILE C 139 15.80 8.77 18.21
N ASP C 140 15.96 8.46 16.92
CA ASP C 140 16.99 9.05 16.07
C ASP C 140 16.40 9.98 15.02
N VAL C 141 17.03 11.15 14.89
CA VAL C 141 16.59 12.16 13.94
C VAL C 141 17.81 12.64 13.16
N ASN C 142 17.99 12.11 11.95
CA ASN C 142 19.10 12.49 11.09
C ASN C 142 20.47 12.30 11.73
N SER C 143 20.59 11.31 12.59
CA SER C 143 21.84 11.03 13.29
C SER C 143 21.71 9.74 14.05
N ILE C 144 22.84 9.05 14.23
CA ILE C 144 22.89 7.79 14.97
C ILE C 144 22.99 8.08 16.47
N LYS C 145 23.24 9.35 16.80
CA LYS C 145 23.31 9.75 18.20
C LYS C 145 21.88 10.16 18.54
N SER C 146 21.18 9.30 19.26
CA SER C 146 19.76 9.50 19.58
C SER C 146 19.42 10.78 20.34
N VAL C 147 18.28 11.38 20.00
CA VAL C 147 17.83 12.57 20.71
C VAL C 147 17.36 12.17 22.12
N ASN C 148 16.95 10.91 22.28
CA ASN C 148 16.51 10.42 23.58
C ASN C 148 16.68 8.92 23.63
N THR C 149 17.04 8.38 24.80
CA THR C 149 17.20 6.94 24.95
C THR C 149 16.62 6.46 26.26
N LYS C 150 16.41 5.16 26.33
CA LYS C 150 15.92 4.50 27.52
C LYS C 150 16.61 3.15 27.58
N SER C 151 17.21 2.84 28.72
CA SER C 151 17.89 1.56 28.88
C SER C 151 16.90 0.42 28.69
N TRP C 152 17.36 -0.62 28.03
CA TRP C 152 16.51 -1.78 27.72
C TRP C 152 17.30 -3.08 27.86
N LYS C 153 16.73 -4.03 28.60
CA LYS C 153 17.38 -5.32 28.79
C LYS C 153 16.90 -6.29 27.72
N LEU C 154 17.80 -6.61 26.80
CA LEU C 154 17.46 -7.54 25.73
C LEU C 154 17.19 -8.94 26.26
N GLN C 155 16.09 -9.53 25.85
CA GLN C 155 15.77 -10.89 26.25
C GLN C 155 15.95 -11.75 25.01
N ASN C 156 17.08 -12.46 24.97
CA ASN C 156 17.46 -13.31 23.84
C ASN C 156 16.36 -14.31 23.44
N GLY C 157 15.98 -14.26 22.17
CA GLY C 157 14.96 -15.14 21.62
C GLY C 157 13.52 -14.88 22.02
N GLU C 158 13.29 -13.85 22.83
CA GLU C 158 11.94 -13.53 23.28
C GLU C 158 11.25 -12.54 22.33
N GLU C 159 9.93 -12.65 22.23
CA GLU C 159 9.16 -11.77 21.35
C GLU C 159 8.96 -10.40 21.99
N ALA C 160 9.49 -9.38 21.32
CA ALA C 160 9.33 -8.00 21.80
C ALA C 160 8.16 -7.39 21.05
N ASN C 161 7.15 -6.97 21.81
CA ASN C 161 5.95 -6.36 21.27
C ASN C 161 6.13 -4.84 21.28
N VAL C 162 6.19 -4.24 20.09
CA VAL C 162 6.41 -2.80 19.99
C VAL C 162 5.24 -2.04 19.40
N VAL C 163 5.02 -0.83 19.91
CA VAL C 163 4.01 0.07 19.37
C VAL C 163 4.71 1.42 19.28
N ILE C 164 4.60 2.05 18.11
CA ILE C 164 5.20 3.36 17.92
C ILE C 164 4.11 4.25 17.34
N ALA C 165 3.90 5.40 17.97
CA ALA C 165 2.85 6.30 17.51
C ALA C 165 3.34 7.73 17.40
N PHE C 166 2.75 8.46 16.46
CA PHE C 166 3.09 9.86 16.27
C PHE C 166 1.81 10.67 16.32
N ASN C 167 1.79 11.65 17.21
CA ASN C 167 0.64 12.54 17.39
C ASN C 167 0.95 13.89 16.74
N ALA C 168 0.29 14.18 15.62
CA ALA C 168 0.55 15.43 14.89
C ALA C 168 0.12 16.71 15.62
N ALA C 169 -0.76 16.57 16.59
CA ALA C 169 -1.21 17.73 17.35
C ALA C 169 -0.09 18.24 18.26
N THR C 170 0.79 17.34 18.68
CA THR C 170 1.89 17.68 19.58
C THR C 170 3.30 17.39 19.07
N ASN C 171 3.41 16.76 17.90
CA ASN C 171 4.70 16.37 17.33
C ASN C 171 5.38 15.36 18.25
N VAL C 172 4.59 14.62 19.03
CA VAL C 172 5.17 13.64 19.95
C VAL C 172 5.23 12.22 19.39
N LEU C 173 6.44 11.66 19.40
CA LEU C 173 6.66 10.28 18.96
C LEU C 173 6.80 9.44 20.22
N THR C 174 5.91 8.45 20.37
CA THR C 174 5.95 7.58 21.54
C THR C 174 6.33 6.16 21.13
N VAL C 175 7.09 5.50 21.99
CA VAL C 175 7.52 4.13 21.74
C VAL C 175 7.26 3.28 22.97
N SER C 176 6.81 2.05 22.74
CA SER C 176 6.59 1.11 23.84
C SER C 176 7.10 -0.26 23.41
N LEU C 177 7.72 -0.97 24.34
CA LEU C 177 8.22 -2.31 24.07
C LEU C 177 7.87 -3.17 25.26
N THR C 178 7.29 -4.33 25.02
CA THR C 178 6.95 -5.23 26.13
C THR C 178 7.39 -6.66 25.82
N TYR C 179 7.82 -7.36 26.87
CA TYR C 179 8.23 -8.75 26.80
C TYR C 179 7.22 -9.47 27.67
N PRO C 180 6.87 -10.71 27.31
CA PRO C 180 5.91 -11.49 28.11
C PRO C 180 6.37 -11.73 29.55
N ASN C 181 7.68 -11.80 29.79
CA ASN C 181 8.22 -11.99 31.13
C ASN C 181 8.84 -10.71 31.70
N SER C 182 8.33 -10.15 32.66
N VAL D 1 5.51 -9.69 32.97
CA VAL D 1 5.54 -8.69 31.86
C VAL D 1 6.53 -7.56 32.15
N THR D 2 7.43 -7.30 31.20
CA THR D 2 8.43 -6.26 31.35
C THR D 2 8.19 -5.23 30.26
N SER D 3 7.98 -3.97 30.63
CA SER D 3 7.71 -2.95 29.62
C SER D 3 8.63 -1.74 29.69
N TYR D 4 8.75 -1.06 28.55
CA TYR D 4 9.60 0.10 28.44
C TYR D 4 8.87 1.15 27.61
N THR D 5 9.14 2.41 27.90
CA THR D 5 8.52 3.49 27.15
C THR D 5 9.56 4.57 26.89
N LEU D 6 9.36 5.30 25.81
CA LEU D 6 10.27 6.38 25.42
C LEU D 6 9.53 7.31 24.49
N SER D 7 9.73 8.61 24.67
CA SER D 7 9.04 9.55 23.81
C SER D 7 9.82 10.85 23.70
N ASP D 8 9.54 11.60 22.65
CA ASP D 8 10.17 12.89 22.45
C ASP D 8 9.37 13.68 21.43
N VAL D 9 9.67 14.97 21.37
CA VAL D 9 9.04 15.86 20.43
C VAL D 9 9.92 15.87 19.20
N VAL D 10 9.35 15.49 18.06
CA VAL D 10 10.08 15.44 16.80
C VAL D 10 9.30 16.24 15.75
N SER D 11 9.92 17.28 15.21
CA SER D 11 9.24 18.10 14.21
C SER D 11 9.34 17.41 12.86
N LEU D 12 8.52 16.38 12.70
CA LEU D 12 8.49 15.54 11.51
C LEU D 12 8.52 16.30 10.18
N LYS D 13 7.64 17.29 10.05
CA LYS D 13 7.55 18.08 8.82
C LYS D 13 8.86 18.76 8.44
N ASP D 14 9.77 18.91 9.40
CA ASP D 14 11.04 19.57 9.16
C ASP D 14 12.18 18.61 8.90
N VAL D 15 11.93 17.32 9.08
CA VAL D 15 13.00 16.34 8.91
C VAL D 15 12.77 15.37 7.73
N VAL D 16 11.55 14.89 7.56
CA VAL D 16 11.29 13.95 6.46
C VAL D 16 10.51 14.64 5.34
N PRO D 17 10.57 14.08 4.13
CA PRO D 17 9.84 14.66 3.00
C PRO D 17 8.33 14.43 3.17
N GLU D 18 7.53 15.11 2.34
CA GLU D 18 6.08 14.99 2.41
C GLU D 18 5.64 13.54 2.23
N TRP D 19 6.30 12.86 1.32
CA TRP D 19 6.02 11.46 1.04
C TRP D 19 7.23 10.66 1.52
N VAL D 20 6.97 9.51 2.12
CA VAL D 20 8.05 8.69 2.64
C VAL D 20 7.75 7.22 2.40
N ARG D 21 8.72 6.39 2.74
CA ARG D 21 8.52 4.95 2.74
C ARG D 21 8.90 4.60 4.18
N ILE D 22 8.24 3.60 4.75
CA ILE D 22 8.57 3.15 6.10
C ILE D 22 9.13 1.75 5.99
N GLY D 23 9.87 1.34 7.01
CA GLY D 23 10.43 0.00 6.99
C GLY D 23 11.24 -0.33 8.23
N PHE D 24 11.91 -1.48 8.15
CA PHE D 24 12.75 -1.96 9.24
C PHE D 24 14.17 -2.14 8.72
N SER D 25 15.13 -2.01 9.62
CA SER D 25 16.51 -2.26 9.27
C SER D 25 17.12 -3.05 10.41
N ALA D 26 18.22 -3.73 10.11
CA ALA D 26 18.97 -4.49 11.10
C ALA D 26 20.35 -4.70 10.53
N THR D 27 21.37 -4.64 11.38
CA THR D 27 22.73 -4.84 10.92
C THR D 27 23.52 -5.61 11.97
N THR D 28 24.68 -6.10 11.54
CA THR D 28 25.64 -6.78 12.40
C THR D 28 26.99 -6.21 11.98
N GLY D 29 28.01 -6.40 12.82
CA GLY D 29 29.34 -5.90 12.53
C GLY D 29 30.29 -7.03 12.88
N ALA D 30 31.23 -6.76 13.77
CA ALA D 30 32.17 -7.79 14.21
C ALA D 30 31.41 -8.77 15.10
N GLU D 31 30.37 -8.27 15.78
CA GLU D 31 29.52 -9.08 16.62
C GLU D 31 28.22 -9.21 15.84
N TYR D 32 27.44 -10.25 16.09
CA TYR D 32 26.24 -10.45 15.29
C TYR D 32 25.10 -11.13 16.03
N ALA D 33 23.97 -11.23 15.33
CA ALA D 33 22.78 -11.87 15.83
C ALA D 33 21.74 -11.90 14.72
N ALA D 34 20.74 -12.77 14.85
CA ALA D 34 19.69 -12.83 13.85
C ALA D 34 18.60 -11.86 14.30
N HIS D 35 18.05 -11.10 13.35
CA HIS D 35 17.00 -10.14 13.65
C HIS D 35 15.80 -10.49 12.79
N GLU D 36 14.64 -10.68 13.42
CA GLU D 36 13.44 -11.07 12.69
C GLU D 36 12.19 -10.34 13.16
N VAL D 37 11.21 -10.23 12.26
CA VAL D 37 9.95 -9.59 12.56
C VAL D 37 8.87 -10.65 12.35
N LEU D 38 7.97 -10.79 13.33
CA LEU D 38 6.92 -11.80 13.28
C LEU D 38 5.60 -11.30 12.71
N SER D 39 5.35 -10.01 12.89
CA SER D 39 4.10 -9.39 12.44
C SER D 39 4.29 -7.89 12.39
N TRP D 40 3.47 -7.23 11.57
CA TRP D 40 3.58 -5.81 11.39
C TRP D 40 2.27 -5.21 10.90
N SER D 41 1.89 -4.09 11.51
CA SER D 41 0.69 -3.36 11.08
C SER D 41 1.03 -1.87 11.10
N PHE D 42 0.30 -1.10 10.32
CA PHE D 42 0.54 0.33 10.23
C PHE D 42 -0.71 1.04 9.81
N HIS D 43 -0.90 2.25 10.31
CA HIS D 43 -2.05 3.05 9.93
C HIS D 43 -1.67 4.51 10.02
N SER D 44 -1.92 5.26 8.94
CA SER D 44 -1.63 6.70 8.94
C SER D 44 -2.88 7.44 8.49
N GLU D 45 -3.05 8.67 8.99
CA GLU D 45 -4.19 9.49 8.60
C GLU D 45 -3.73 10.94 8.46
N LEU D 46 -3.82 11.47 7.26
CA LEU D 46 -3.44 12.85 6.96
C LEU D 46 -4.71 13.60 6.57
N SER D 47 -5.00 14.71 7.23
CA SER D 47 -6.23 15.44 6.90
C SER D 47 -6.02 16.50 5.81
N GLY D 48 -7.13 16.93 5.19
CA GLY D 48 -7.09 17.94 4.14
C GLY D 48 -7.63 19.29 4.58
C1 GLC E . -14.42 2.73 -32.79
C2 GLC E . -13.49 1.78 -32.03
C3 GLC E . -14.30 0.97 -30.98
C4 GLC E . -15.00 1.94 -30.02
C5 GLC E . -15.90 2.91 -30.85
C6 GLC E . -16.59 4.00 -30.04
O2 GLC E . -12.89 0.89 -32.94
O3 GLC E . -13.38 0.16 -30.24
O4 GLC E . -15.82 1.21 -29.11
O5 GLC E . -15.05 3.62 -31.83
O6 GLC E . -15.58 4.76 -29.36
C1 FRU E . -14.50 2.25 -35.73
C2 FRU E . -15.70 2.44 -34.82
C3 FRU E . -16.94 1.68 -35.35
C4 FRU E . -18.02 2.38 -34.57
C5 FRU E . -17.58 3.83 -34.83
C6 FRU E . -18.11 4.81 -33.79
O1 FRU E . -14.76 2.86 -37.01
O2 FRU E . -15.38 1.98 -33.49
O3 FRU E . -16.88 0.30 -35.00
O4 FRU E . -19.30 2.13 -35.15
O5 FRU E . -16.11 3.80 -34.79
O6 FRU E . -17.99 6.11 -34.28
C1 GLC F . 32.70 -3.23 14.72
C2 GLC F . 31.95 -2.33 13.73
C3 GLC F . 30.91 -1.46 14.47
C4 GLC F . 29.87 -2.38 15.17
C5 GLC F . 30.61 -3.42 16.07
C6 GLC F . 29.76 -4.54 16.63
O2 GLC F . 32.87 -1.51 13.03
O3 GLC F . 30.22 -0.63 13.54
O4 GLC F . 29.00 -1.55 15.96
O5 GLC F . 31.70 -4.12 15.32
O6 GLC F . 29.14 -5.23 15.52
C1 FRU F . 35.75 -2.60 15.17
C2 FRU F . 34.65 -2.88 16.19
C3 FRU F . 34.96 -2.22 17.54
C4 FRU F . 34.16 -3.03 18.51
C5 FRU F . 34.42 -4.45 17.93
C6 FRU F . 33.25 -5.39 18.12
O1 FRU F . 36.98 -3.21 15.62
O2 FRU F . 33.37 -2.45 15.69
O3 FRU F . 34.51 -0.85 17.55
O4 FRU F . 34.68 -2.91 19.84
O5 FRU F . 34.65 -4.28 16.49
O6 FRU F . 33.75 -6.70 18.31
MN MN G . -19.93 -4.12 -22.39
CA CA H . -18.90 -1.21 -25.16
MN MN I . 22.28 3.83 20.15
CA CA J . 25.07 0.95 19.05
#